data_5XZA
#
_entry.id   5XZA
#
_cell.length_a   119.086
_cell.length_b   36.807
_cell.length_c   89.862
_cell.angle_alpha   90.00
_cell.angle_beta   124.01
_cell.angle_gamma   90.00
#
_symmetry.space_group_name_H-M   'C 1 2 1'
#
loop_
_entity.id
_entity.type
_entity.pdbx_description
1 polymer 'ATP-dependent 6-phosphofructokinase'
2 non-polymer "ADENOSINE-5'-DIPHOSPHATE"
3 non-polymer 'CITRATE ANION'
4 non-polymer GLYCEROL
5 water water
#
_entity_poly.entity_id   1
_entity_poly.type   'polypeptide(L)'
_entity_poly.pdbx_seq_one_letter_code
;MKKIAVLTSGGDSPGMNAAVRAVVRTAIYNEIEVYGVYHGYQGLLNDDIHKLELGSVGDTIQRGGTFLYSARCPEFKEQE
VRKVAIENLRKRGIEGLVVIGGDGSYRGAQRISEECKEIQTIGIPGTIDNDINGTDFTIGFDTALNTIIGLVDKIRDTAS
SHARTFIIEAMGRDCGDLALWAGLSVGAETIVVPEVKTDIKEIADKIEQGIKRGKKHSIVLVAEGCMTAQDCQKELSQYI
NVDNRVSVLGHVQRGGSPTGADRVLASRLGGYAVDLLMQGETAKGVGIKNNKIVATSFDEIFDGKDHKFDYSLYELANKL
SILEHHHHHH
;
_entity_poly.pdbx_strand_id   A
#
# COMPACT_ATOMS: atom_id res chain seq x y z
N MET A 1 -19.61 -19.84 -11.17
CA MET A 1 -18.23 -19.40 -10.87
C MET A 1 -17.30 -20.59 -10.89
N LYS A 2 -16.95 -21.01 -12.11
CA LYS A 2 -16.19 -22.19 -12.30
C LYS A 2 -14.68 -21.96 -12.44
N LYS A 3 -14.27 -20.81 -12.95
CA LYS A 3 -12.85 -20.45 -13.12
C LYS A 3 -12.63 -19.01 -12.71
N ILE A 4 -11.58 -18.80 -11.91
CA ILE A 4 -11.14 -17.50 -11.43
C ILE A 4 -9.68 -17.25 -11.89
N ALA A 5 -9.39 -16.01 -12.26
CA ALA A 5 -7.99 -15.58 -12.38
C ALA A 5 -7.63 -14.54 -11.30
N VAL A 6 -6.35 -14.49 -10.98
CA VAL A 6 -5.87 -13.57 -9.96
C VAL A 6 -4.62 -12.89 -10.41
N LEU A 7 -4.48 -11.59 -10.14
CA LEU A 7 -3.23 -10.87 -10.60
C LEU A 7 -2.84 -9.82 -9.59
N THR A 8 -1.57 -9.47 -9.61
CA THR A 8 -1.06 -8.39 -8.73
C THR A 8 -0.56 -7.25 -9.60
N SER A 9 -0.93 -6.05 -9.23
CA SER A 9 -0.75 -4.88 -10.07
C SER A 9 -0.31 -3.64 -9.21
N GLY A 10 0.59 -2.86 -9.78
CA GLY A 10 1.25 -1.73 -9.11
C GLY A 10 2.47 -2.07 -8.27
N GLY A 11 2.90 -1.18 -7.43
CA GLY A 11 4.11 -1.44 -6.68
C GLY A 11 3.88 -2.64 -5.75
N ASP A 12 4.98 -3.28 -5.39
CA ASP A 12 4.91 -4.39 -4.38
C ASP A 12 4.34 -3.91 -3.05
N SER A 13 3.64 -4.80 -2.34
CA SER A 13 3.23 -4.52 -1.00
C SER A 13 3.30 -5.84 -0.20
N PRO A 14 3.91 -5.79 0.99
CA PRO A 14 4.03 -7.00 1.79
C PRO A 14 2.60 -7.51 2.03
N GLY A 15 2.37 -8.82 1.81
CA GLY A 15 1.10 -9.44 2.02
C GLY A 15 0.42 -9.73 0.70
N MET A 16 0.91 -9.18 -0.43
CA MET A 16 0.38 -9.65 -1.73
C MET A 16 0.39 -11.19 -1.88
N ASN A 17 1.45 -11.83 -1.40
CA ASN A 17 1.59 -13.26 -1.54
C ASN A 17 0.57 -13.98 -0.72
N ALA A 18 0.40 -13.49 0.51
CA ALA A 18 -0.61 -14.05 1.38
C ALA A 18 -2.02 -13.92 0.83
N ALA A 19 -2.26 -12.82 0.12
CA ALA A 19 -3.59 -12.59 -0.49
C ALA A 19 -3.80 -13.58 -1.64
N VAL A 20 -2.79 -13.78 -2.46
CA VAL A 20 -2.88 -14.74 -3.58
C VAL A 20 -3.12 -16.16 -3.05
N ARG A 21 -2.36 -16.51 -2.00
CA ARG A 21 -2.51 -17.81 -1.36
C ARG A 21 -3.92 -18.02 -0.90
N ALA A 22 -4.53 -17.02 -0.23
CA ALA A 22 -5.88 -17.17 0.24
C ALA A 22 -6.89 -17.27 -0.92
N VAL A 23 -6.68 -16.52 -1.99
CA VAL A 23 -7.54 -16.69 -3.12
C VAL A 23 -7.47 -18.08 -3.75
N VAL A 24 -6.26 -18.54 -3.97
CA VAL A 24 -6.04 -19.86 -4.57
C VAL A 24 -6.57 -20.99 -3.71
N ARG A 25 -6.19 -21.04 -2.44
CA ARG A 25 -6.67 -22.13 -1.56
C ARG A 25 -8.21 -22.13 -1.33
N THR A 26 -8.78 -20.94 -1.17
CA THR A 26 -10.24 -20.79 -1.00
C THR A 26 -11.00 -21.22 -2.25
N ALA A 27 -10.51 -20.81 -3.40
CA ALA A 27 -11.09 -21.22 -4.69
C ALA A 27 -11.14 -22.72 -4.80
N ILE A 28 -9.98 -23.32 -4.57
CA ILE A 28 -9.84 -24.77 -4.82
C ILE A 28 -10.70 -25.56 -3.79
N TYR A 29 -10.71 -25.08 -2.55
CA TYR A 29 -11.60 -25.63 -1.54
C TYR A 29 -13.01 -25.73 -2.02
N ASN A 30 -13.46 -24.68 -2.72
CA ASN A 30 -14.78 -24.62 -3.31
C ASN A 30 -14.90 -25.22 -4.73
N GLU A 31 -13.94 -26.03 -5.13
CA GLU A 31 -13.93 -26.65 -6.47
C GLU A 31 -14.02 -25.68 -7.64
N ILE A 32 -13.30 -24.57 -7.46
CA ILE A 32 -13.15 -23.58 -8.49
C ILE A 32 -11.69 -23.73 -8.97
N GLU A 33 -11.52 -23.74 -10.29
CA GLU A 33 -10.19 -23.64 -10.91
C GLU A 33 -9.68 -22.21 -10.91
N VAL A 34 -8.41 -22.04 -10.61
CA VAL A 34 -7.85 -20.71 -10.39
C VAL A 34 -6.58 -20.60 -11.22
N TYR A 35 -6.49 -19.50 -11.94
CA TYR A 35 -5.38 -19.20 -12.82
C TYR A 35 -4.64 -17.99 -12.32
N GLY A 36 -3.31 -18.06 -12.29
CA GLY A 36 -2.45 -16.96 -11.99
C GLY A 36 -2.13 -16.20 -13.26
N VAL A 37 -2.26 -14.86 -13.22
CA VAL A 37 -1.86 -13.98 -14.31
C VAL A 37 -0.56 -13.41 -13.83
N TYR A 38 0.50 -13.55 -14.64
CA TYR A 38 1.81 -13.04 -14.31
C TYR A 38 2.08 -11.71 -14.95
N HIS A 39 2.72 -10.83 -14.20
CA HIS A 39 3.14 -9.45 -14.59
C HIS A 39 1.97 -8.54 -14.71
N GLY A 40 1.02 -8.65 -13.77
CA GLY A 40 -0.07 -7.73 -13.72
C GLY A 40 -0.89 -7.70 -14.99
N TYR A 41 -1.36 -6.51 -15.35
CA TYR A 41 -2.13 -6.40 -16.56
C TYR A 41 -1.35 -6.68 -17.85
N GLN A 42 -0.02 -6.62 -17.80
CA GLN A 42 0.84 -6.95 -18.98
C GLN A 42 0.68 -8.41 -19.32
N GLY A 43 0.58 -9.22 -18.26
CA GLY A 43 0.46 -10.63 -18.50
C GLY A 43 -0.87 -10.91 -19.09
N LEU A 44 -1.86 -10.13 -18.68
CA LEU A 44 -3.16 -10.28 -19.23
C LEU A 44 -3.18 -10.05 -20.74
N LEU A 45 -2.43 -9.06 -21.19
CA LEU A 45 -2.32 -8.75 -22.61
C LEU A 45 -1.47 -9.74 -23.38
N ASN A 46 -0.37 -10.20 -22.76
CA ASN A 46 0.50 -11.30 -23.29
C ASN A 46 0.02 -12.75 -23.09
N ASP A 47 -1.14 -12.95 -22.50
CA ASP A 47 -1.69 -14.26 -22.20
C ASP A 47 -0.78 -15.10 -21.27
N ASP A 48 -0.08 -14.45 -20.32
CA ASP A 48 0.80 -15.09 -19.36
C ASP A 48 -0.09 -15.51 -18.17
N ILE A 49 -0.91 -16.51 -18.45
CA ILE A 49 -1.97 -17.02 -17.61
C ILE A 49 -1.79 -18.52 -17.45
N HIS A 50 -1.67 -18.98 -16.22
CA HIS A 50 -1.38 -20.37 -15.88
C HIS A 50 -2.18 -20.91 -14.73
N LYS A 51 -2.68 -22.13 -14.89
CA LYS A 51 -3.37 -22.83 -13.82
C LYS A 51 -2.53 -22.98 -12.55
N LEU A 52 -3.13 -22.64 -11.42
CA LEU A 52 -2.50 -22.87 -10.12
C LEU A 52 -3.13 -24.01 -9.39
N GLU A 53 -2.29 -24.74 -8.61
CA GLU A 53 -2.73 -25.82 -7.68
C GLU A 53 -2.43 -25.40 -6.23
N LEU A 54 -2.89 -26.23 -5.32
CA LEU A 54 -2.73 -25.98 -3.91
C LEU A 54 -1.29 -25.70 -3.57
N GLY A 55 -0.39 -26.45 -4.22
CA GLY A 55 1.00 -26.34 -3.95
C GLY A 55 1.69 -25.16 -4.60
N SER A 56 1.05 -24.49 -5.58
CA SER A 56 1.68 -23.37 -6.23
C SER A 56 1.87 -22.25 -5.21
N VAL A 57 1.11 -22.25 -4.12
CA VAL A 57 1.15 -21.14 -3.16
C VAL A 57 1.76 -21.59 -1.81
N GLY A 58 2.39 -22.76 -1.81
CA GLY A 58 3.05 -23.23 -0.61
C GLY A 58 4.25 -22.37 -0.39
N ASP A 59 4.64 -22.22 0.90
CA ASP A 59 5.80 -21.43 1.25
C ASP A 59 5.74 -19.99 0.75
N THR A 60 4.54 -19.38 0.77
CA THR A 60 4.36 -18.01 0.27
C THR A 60 3.86 -17.00 1.29
N ILE A 61 3.19 -17.43 2.35
CA ILE A 61 2.51 -16.47 3.27
C ILE A 61 3.53 -15.48 3.81
N GLN A 62 4.79 -15.93 4.06
CA GLN A 62 5.78 -15.07 4.71
C GLN A 62 6.63 -14.26 3.72
N ARG A 63 6.43 -14.51 2.43
CA ARG A 63 7.27 -13.92 1.41
C ARG A 63 6.84 -12.53 1.07
N GLY A 64 7.79 -11.61 0.95
CA GLY A 64 7.48 -10.26 0.51
C GLY A 64 7.28 -10.25 -1.01
N GLY A 65 6.77 -9.13 -1.49
CA GLY A 65 6.62 -8.92 -2.94
C GLY A 65 5.52 -9.79 -3.46
N THR A 66 5.69 -10.27 -4.72
CA THR A 66 4.64 -11.03 -5.35
C THR A 66 5.24 -12.05 -6.30
N PHE A 67 4.86 -13.32 -6.09
CA PHE A 67 5.42 -14.39 -6.90
C PHE A 67 4.81 -14.37 -8.31
N LEU A 68 3.65 -13.77 -8.46
CA LEU A 68 3.10 -13.56 -9.78
C LEU A 68 4.02 -12.39 -9.87
N TYR A 69 4.13 -11.71 -10.89
CA TYR A 69 5.04 -10.51 -10.66
C TYR A 69 4.09 -9.35 -10.77
N SER A 70 4.60 -8.13 -10.86
CA SER A 70 3.81 -6.99 -11.33
C SER A 70 4.46 -6.20 -12.42
N ALA A 71 3.62 -5.50 -13.17
CA ALA A 71 4.11 -4.47 -14.05
C ALA A 71 3.31 -3.16 -13.87
N ARG A 72 3.79 -2.19 -14.65
CA ARG A 72 3.09 -0.97 -14.99
C ARG A 72 2.70 -1.29 -16.43
N CYS A 73 1.43 -1.07 -16.76
CA CYS A 73 0.93 -1.32 -18.09
C CYS A 73 0.05 -0.11 -18.44
N PRO A 74 0.70 0.98 -18.81
CA PRO A 74 -0.08 2.20 -19.14
C PRO A 74 -1.01 2.08 -20.34
N GLU A 75 -0.69 1.21 -21.29
CA GLU A 75 -1.59 0.95 -22.43
C GLU A 75 -2.96 0.39 -22.04
N PHE A 76 -3.08 -0.15 -20.81
CA PHE A 76 -4.38 -0.66 -20.33
C PHE A 76 -5.47 0.40 -20.12
N LYS A 77 -5.05 1.66 -20.03
CA LYS A 77 -5.97 2.80 -20.13
C LYS A 77 -6.74 2.92 -21.45
N GLU A 78 -6.28 2.23 -22.49
CA GLU A 78 -6.93 2.20 -23.80
C GLU A 78 -7.93 1.04 -23.96
N GLN A 79 -9.15 1.38 -24.32
CA GLN A 79 -10.22 0.40 -24.51
C GLN A 79 -9.93 -0.72 -25.52
N GLU A 80 -9.33 -0.37 -26.65
CA GLU A 80 -9.02 -1.34 -27.68
C GLU A 80 -8.07 -2.41 -27.14
N VAL A 81 -7.10 -1.97 -26.35
CA VAL A 81 -6.11 -2.84 -25.73
C VAL A 81 -6.78 -3.76 -24.70
N ARG A 82 -7.64 -3.21 -23.87
CA ARG A 82 -8.38 -4.04 -22.90
C ARG A 82 -9.18 -5.15 -23.60
N LYS A 83 -9.64 -4.90 -24.82
CA LYS A 83 -10.36 -5.94 -25.55
C LYS A 83 -9.58 -7.24 -25.67
N VAL A 84 -8.27 -7.14 -25.92
CA VAL A 84 -7.38 -8.30 -25.99
C VAL A 84 -7.29 -9.01 -24.63
N ALA A 85 -7.10 -8.24 -23.56
CA ALA A 85 -7.14 -8.84 -22.22
C ALA A 85 -8.45 -9.60 -21.94
N ILE A 86 -9.57 -8.98 -22.31
CA ILE A 86 -10.88 -9.62 -22.10
C ILE A 86 -11.02 -10.92 -22.91
N GLU A 87 -10.49 -10.92 -24.14
CA GLU A 87 -10.52 -12.11 -24.96
C GLU A 87 -9.62 -13.20 -24.40
N ASN A 88 -8.47 -12.85 -23.83
CA ASN A 88 -7.60 -13.88 -23.26
C ASN A 88 -8.25 -14.57 -22.06
N LEU A 89 -9.00 -13.80 -21.27
CA LEU A 89 -9.76 -14.43 -20.16
C LEU A 89 -10.94 -15.26 -20.66
N ARG A 90 -11.74 -14.67 -21.54
CA ARG A 90 -12.95 -15.33 -22.00
C ARG A 90 -12.66 -16.63 -22.76
N LYS A 91 -11.58 -16.66 -23.54
CA LYS A 91 -11.28 -17.86 -24.32
C LYS A 91 -10.96 -19.03 -23.39
N ARG A 92 -10.58 -18.70 -22.14
CA ARG A 92 -10.28 -19.70 -21.14
C ARG A 92 -11.44 -20.09 -20.25
N GLY A 93 -12.54 -19.41 -20.42
CA GLY A 93 -13.73 -19.64 -19.61
C GLY A 93 -13.61 -18.99 -18.23
N ILE A 94 -12.73 -17.98 -18.08
CA ILE A 94 -12.60 -17.30 -16.78
C ILE A 94 -13.85 -16.44 -16.49
N GLU A 95 -14.48 -16.68 -15.35
CA GLU A 95 -15.74 -16.05 -14.96
C GLU A 95 -15.58 -14.98 -13.87
N GLY A 96 -14.40 -14.95 -13.22
CA GLY A 96 -14.08 -13.97 -12.18
C GLY A 96 -12.62 -13.58 -12.19
N LEU A 97 -12.35 -12.30 -11.94
CA LEU A 97 -10.99 -11.78 -11.88
C LEU A 97 -10.79 -11.01 -10.53
N VAL A 98 -9.78 -11.43 -9.78
CA VAL A 98 -9.38 -10.77 -8.55
C VAL A 98 -8.11 -9.98 -8.84
N VAL A 99 -8.12 -8.66 -8.58
CA VAL A 99 -7.01 -7.79 -8.77
C VAL A 99 -6.53 -7.31 -7.40
N ILE A 100 -5.26 -7.55 -7.11
CA ILE A 100 -4.66 -7.09 -5.88
C ILE A 100 -3.74 -5.92 -6.21
N GLY A 101 -4.00 -4.78 -5.61
CA GLY A 101 -3.13 -3.60 -5.84
C GLY A 101 -3.75 -2.36 -5.29
N GLY A 102 -3.36 -1.21 -5.82
CA GLY A 102 -3.90 0.08 -5.32
C GLY A 102 -5.03 0.62 -6.19
N ASP A 103 -5.31 1.92 -6.04
CA ASP A 103 -6.47 2.58 -6.64
C ASP A 103 -6.46 2.51 -8.16
N GLY A 104 -5.28 2.67 -8.74
CA GLY A 104 -5.03 2.55 -10.16
C GLY A 104 -5.38 1.18 -10.69
N SER A 105 -4.95 0.15 -9.98
CA SER A 105 -5.36 -1.22 -10.31
C SER A 105 -6.84 -1.43 -10.34
N TYR A 106 -7.55 -0.86 -9.40
CA TYR A 106 -9.00 -0.96 -9.39
C TYR A 106 -9.66 -0.43 -10.69
N ARG A 107 -9.04 0.61 -11.26
CA ARG A 107 -9.60 1.26 -12.43
C ARG A 107 -9.60 0.31 -13.58
N GLY A 108 -8.49 -0.43 -13.74
CA GLY A 108 -8.45 -1.52 -14.71
C GLY A 108 -9.62 -2.50 -14.52
N ALA A 109 -9.84 -2.89 -13.25
CA ALA A 109 -10.90 -3.88 -12.89
C ALA A 109 -12.30 -3.35 -13.21
N GLN A 110 -12.56 -2.09 -12.93
CA GLN A 110 -13.85 -1.47 -13.26
C GLN A 110 -14.15 -1.46 -14.74
N ARG A 111 -13.14 -1.12 -15.52
CA ARG A 111 -13.29 -1.11 -16.93
C ARG A 111 -13.61 -2.48 -17.44
N ILE A 112 -12.87 -3.48 -16.95
CA ILE A 112 -13.15 -4.83 -17.39
C ILE A 112 -14.61 -5.21 -17.18
N SER A 113 -15.11 -4.88 -16.00
CA SER A 113 -16.46 -5.31 -15.62
C SER A 113 -17.49 -4.57 -16.45
N GLU A 114 -17.20 -3.30 -16.76
CA GLU A 114 -18.06 -2.47 -17.61
C GLU A 114 -18.09 -2.99 -19.02
N GLU A 115 -16.92 -3.38 -19.52
CA GLU A 115 -16.77 -3.86 -20.89
C GLU A 115 -17.01 -5.33 -21.13
N CYS A 116 -17.13 -6.12 -20.06
CA CYS A 116 -17.48 -7.54 -20.20
C CYS A 116 -18.34 -8.02 -19.01
N LYS A 117 -19.65 -8.05 -19.22
CA LYS A 117 -20.62 -8.50 -18.23
C LYS A 117 -20.35 -9.92 -17.75
N GLU A 118 -19.70 -10.74 -18.57
CA GLU A 118 -19.37 -12.12 -18.22
C GLU A 118 -18.23 -12.33 -17.24
N ILE A 119 -17.46 -11.30 -16.93
CA ILE A 119 -16.40 -11.44 -15.97
C ILE A 119 -16.76 -10.57 -14.75
N GLN A 120 -16.87 -11.20 -13.59
CA GLN A 120 -16.99 -10.45 -12.33
C GLN A 120 -15.61 -10.02 -11.89
N THR A 121 -15.47 -8.81 -11.36
CA THR A 121 -14.15 -8.37 -10.86
C THR A 121 -14.26 -7.93 -9.39
N ILE A 122 -13.23 -8.23 -8.60
CA ILE A 122 -13.13 -7.85 -7.18
C ILE A 122 -11.73 -7.31 -6.95
N GLY A 123 -11.63 -6.14 -6.32
CA GLY A 123 -10.34 -5.57 -5.92
C GLY A 123 -9.99 -5.89 -4.46
N ILE A 124 -8.69 -6.20 -4.23
CA ILE A 124 -8.11 -6.38 -2.91
C ILE A 124 -7.02 -5.31 -2.74
N PRO A 125 -7.05 -4.57 -1.60
CA PRO A 125 -6.29 -3.37 -1.47
C PRO A 125 -4.79 -3.54 -1.02
N GLY A 126 -3.99 -4.06 -1.92
CA GLY A 126 -2.53 -4.34 -1.72
C GLY A 126 -1.63 -3.15 -2.01
N THR A 127 -1.40 -2.34 -0.99
CA THR A 127 -0.57 -1.15 -1.08
C THR A 127 -0.23 -0.69 0.36
N ILE A 128 0.94 -0.08 0.44
CA ILE A 128 1.53 0.40 1.69
C ILE A 128 0.95 1.70 2.14
N ASP A 129 0.30 2.39 1.20
CA ASP A 129 -0.06 3.79 1.34
C ASP A 129 -1.17 4.09 2.25
N ASN A 130 -2.05 3.12 2.49
CA ASN A 130 -3.26 3.33 3.27
C ASN A 130 -4.33 4.31 2.71
N ASP A 131 -4.40 4.37 1.40
CA ASP A 131 -5.08 5.47 0.72
C ASP A 131 -6.19 4.93 -0.18
N ILE A 132 -6.97 3.96 0.30
CA ILE A 132 -8.06 3.37 -0.50
C ILE A 132 -9.30 3.60 0.26
N ASN A 133 -10.26 4.20 -0.43
CA ASN A 133 -11.55 4.46 0.14
C ASN A 133 -12.24 3.22 0.66
N GLY A 134 -12.85 3.30 1.85
CA GLY A 134 -13.72 2.23 2.36
C GLY A 134 -13.02 1.08 3.04
N THR A 135 -11.68 1.09 3.08
CA THR A 135 -10.96 0.25 4.04
C THR A 135 -10.18 1.23 4.97
N ASP A 136 -10.18 0.95 6.26
CA ASP A 136 -9.40 1.75 7.23
C ASP A 136 -7.90 1.47 7.04
N PHE A 137 -7.56 0.25 6.63
CA PHE A 137 -6.12 -0.15 6.44
C PHE A 137 -6.01 -0.96 5.19
N THR A 138 -4.93 -0.69 4.46
CA THR A 138 -4.56 -1.47 3.32
C THR A 138 -3.54 -2.54 3.69
N ILE A 139 -3.53 -3.58 2.84
CA ILE A 139 -2.58 -4.68 3.05
C ILE A 139 -1.13 -4.21 2.72
N GLY A 140 -0.29 -4.11 3.75
CA GLY A 140 1.09 -3.62 3.65
C GLY A 140 1.40 -2.47 4.52
N PHE A 141 0.36 -1.71 4.94
CA PHE A 141 0.54 -0.55 5.79
C PHE A 141 1.22 -0.91 7.08
N ASP A 142 0.75 -1.97 7.73
CA ASP A 142 1.33 -2.34 9.03
C ASP A 142 2.80 -2.76 8.84
N THR A 143 3.06 -3.49 7.77
CA THR A 143 4.43 -3.91 7.49
C THR A 143 5.37 -2.72 7.26
N ALA A 144 4.93 -1.80 6.40
CA ALA A 144 5.69 -0.63 6.09
C ALA A 144 5.98 0.23 7.32
N LEU A 145 4.98 0.42 8.19
CA LEU A 145 5.17 1.05 9.44
C LEU A 145 6.38 0.45 10.25
N ASN A 146 6.34 -0.84 10.46
CA ASN A 146 7.44 -1.48 11.20
C ASN A 146 8.73 -1.43 10.45
N THR A 147 8.67 -1.47 9.13
CA THR A 147 9.90 -1.34 8.36
C THR A 147 10.52 0.00 8.63
N ILE A 148 9.72 1.05 8.65
CA ILE A 148 10.19 2.40 8.92
C ILE A 148 10.79 2.52 10.30
N ILE A 149 10.10 1.95 11.34
CA ILE A 149 10.69 1.92 12.69
C ILE A 149 12.10 1.33 12.69
N GLY A 150 12.28 0.21 11.99
CA GLY A 150 13.52 -0.56 11.96
C GLY A 150 14.63 0.22 11.24
N LEU A 151 14.23 0.94 10.20
CA LEU A 151 15.15 1.73 9.42
C LEU A 151 15.65 2.92 10.22
N VAL A 152 14.74 3.55 11.00
CA VAL A 152 15.05 4.66 11.85
C VAL A 152 16.02 4.23 12.93
N ASP A 153 15.74 3.11 13.59
CA ASP A 153 16.61 2.51 14.58
C ASP A 153 18.00 2.31 14.04
N LYS A 154 18.14 1.78 12.83
CA LYS A 154 19.50 1.51 12.30
C LYS A 154 20.25 2.83 11.96
N ILE A 155 19.53 3.82 11.44
CA ILE A 155 20.11 5.14 11.13
C ILE A 155 20.69 5.73 12.42
N ARG A 156 19.92 5.65 13.50
CA ARG A 156 20.35 6.25 14.72
C ARG A 156 21.44 5.43 15.38
N ASP A 157 21.34 4.11 15.29
CA ASP A 157 22.30 3.18 15.90
C ASP A 157 23.68 3.27 15.19
N THR A 158 23.72 3.67 13.90
CA THR A 158 24.93 3.76 13.15
C THR A 158 25.50 5.21 13.02
N ALA A 159 24.77 6.19 13.52
CA ALA A 159 25.16 7.60 13.44
C ALA A 159 26.19 8.02 14.52
N SER A 160 26.93 9.09 14.21
CA SER A 160 27.70 9.86 15.21
C SER A 160 26.82 10.24 16.37
N SER A 161 27.37 10.12 17.60
CA SER A 161 26.67 10.38 18.89
C SER A 161 26.24 11.85 18.95
N HIS A 162 26.96 12.68 18.21
CA HIS A 162 26.75 14.09 18.17
C HIS A 162 25.74 14.51 17.02
N ALA A 163 25.27 13.64 16.02
CA ALA A 163 24.29 14.06 15.06
C ALA A 163 23.07 14.61 15.84
N ARG A 164 22.56 15.75 15.41
CA ARG A 164 21.47 16.39 16.13
C ARG A 164 20.10 16.16 15.50
N THR A 165 20.05 15.98 14.18
CA THR A 165 18.78 15.98 13.45
C THR A 165 18.80 14.97 12.33
N PHE A 166 17.83 14.09 12.31
CA PHE A 166 17.68 13.19 11.19
C PHE A 166 16.37 13.55 10.46
N ILE A 167 16.55 13.90 9.18
CA ILE A 167 15.45 14.23 8.27
C ILE A 167 15.27 13.04 7.35
N ILE A 168 14.21 12.29 7.66
CA ILE A 168 13.91 11.05 7.07
C ILE A 168 12.62 11.07 6.20
N GLU A 169 12.81 10.69 4.93
CA GLU A 169 11.71 10.70 3.95
C GLU A 169 11.04 9.38 3.88
N ALA A 170 9.73 9.35 4.25
CA ALA A 170 8.85 8.17 4.20
C ALA A 170 7.97 8.08 2.91
N MET A 171 7.50 6.86 2.56
CA MET A 171 6.58 6.70 1.41
C MET A 171 5.19 7.02 1.88
N GLY A 172 4.19 6.73 1.06
CA GLY A 172 2.85 7.09 1.31
C GLY A 172 2.12 7.71 0.13
N ARG A 173 2.83 7.96 -0.99
CA ARG A 173 2.26 8.71 -2.14
C ARG A 173 1.65 10.10 -1.73
N ASP A 174 0.33 10.33 -1.85
CA ASP A 174 -0.39 11.50 -1.36
C ASP A 174 -1.04 11.45 0.08
N CYS A 175 -0.76 10.38 0.82
CA CYS A 175 -1.42 10.15 2.08
C CYS A 175 -0.33 10.20 3.17
N GLY A 176 -0.60 10.92 4.22
CA GLY A 176 0.33 11.12 5.29
C GLY A 176 0.30 10.09 6.41
N ASP A 177 -0.54 9.08 6.27
CA ASP A 177 -0.72 8.04 7.34
C ASP A 177 0.53 7.34 7.74
N LEU A 178 1.31 6.86 6.78
CA LEU A 178 2.55 6.18 7.12
C LEU A 178 3.50 7.08 7.93
N ALA A 179 3.68 8.33 7.45
CA ALA A 179 4.53 9.29 8.13
C ALA A 179 3.99 9.57 9.52
N LEU A 180 2.66 9.69 9.65
CA LEU A 180 2.05 9.96 10.96
C LEU A 180 2.23 8.81 12.00
N TRP A 181 1.90 7.60 11.61
CA TRP A 181 2.02 6.42 12.51
C TRP A 181 3.51 6.13 12.86
N ALA A 182 4.36 6.28 11.85
CA ALA A 182 5.77 6.02 12.02
C ALA A 182 6.38 7.07 12.92
N GLY A 183 5.96 8.29 12.66
CA GLY A 183 6.46 9.46 13.46
C GLY A 183 6.15 9.33 14.96
N LEU A 184 4.88 9.09 15.25
CA LEU A 184 4.43 8.84 16.59
C LEU A 184 5.20 7.65 17.11
N SER A 185 5.34 6.62 16.28
CA SER A 185 6.02 5.37 16.72
C SER A 185 7.50 5.52 17.13
N VAL A 186 8.18 6.43 16.47
CA VAL A 186 9.60 6.67 16.77
C VAL A 186 9.87 7.86 17.62
N GLY A 187 8.85 8.57 18.01
CA GLY A 187 9.02 9.76 18.85
C GLY A 187 9.53 10.99 18.12
N ALA A 188 9.12 11.12 16.86
CA ALA A 188 9.51 12.29 16.06
C ALA A 188 9.01 13.65 16.68
N GLU A 189 9.94 14.61 16.72
CA GLU A 189 9.68 16.02 17.02
C GLU A 189 8.71 16.59 16.05
N THR A 190 8.92 16.23 14.78
CA THR A 190 8.11 16.82 13.75
C THR A 190 7.76 15.83 12.71
N ILE A 191 6.56 16.02 12.19
CA ILE A 191 5.94 15.24 11.16
C ILE A 191 5.40 16.13 10.08
N VAL A 192 5.84 15.88 8.87
CA VAL A 192 5.51 16.72 7.72
C VAL A 192 4.67 15.89 6.81
N VAL A 193 3.44 16.33 6.58
CA VAL A 193 2.48 15.57 5.80
C VAL A 193 1.65 16.48 4.91
N PRO A 194 1.13 15.94 3.79
CA PRO A 194 0.43 16.83 2.85
C PRO A 194 -0.86 17.39 3.41
N GLU A 195 -1.42 16.80 4.48
CA GLU A 195 -2.74 17.24 5.02
C GLU A 195 -2.62 18.37 6.00
N VAL A 196 -1.41 18.65 6.43
CA VAL A 196 -1.21 19.75 7.38
C VAL A 196 -0.31 20.78 6.73
N LYS A 197 -0.68 22.04 6.79
CA LYS A 197 0.24 23.13 6.24
C LYS A 197 1.55 23.23 7.02
N THR A 198 2.66 23.06 6.31
CA THR A 198 3.93 22.91 6.95
C THR A 198 4.42 24.33 7.36
N ASP A 199 4.86 24.47 8.61
CA ASP A 199 5.40 25.69 9.12
C ASP A 199 6.87 25.48 9.45
N ILE A 200 7.73 25.60 8.51
CA ILE A 200 9.19 25.56 8.57
C ILE A 200 9.74 26.40 9.73
N LYS A 201 9.40 27.60 9.82
CA LYS A 201 9.93 28.49 10.88
C LYS A 201 9.61 27.89 12.27
N GLU A 202 8.39 27.40 12.47
CA GLU A 202 8.09 26.71 13.71
C GLU A 202 9.01 25.50 13.96
N ILE A 203 9.11 24.65 12.93
CA ILE A 203 9.92 23.42 12.93
C ILE A 203 11.38 23.75 13.28
N ALA A 204 11.96 24.75 12.61
CA ALA A 204 13.38 25.14 12.90
C ALA A 204 13.51 25.71 14.30
N ASP A 205 12.54 26.51 14.76
CA ASP A 205 12.57 27.03 16.15
C ASP A 205 12.56 25.87 17.14
N LYS A 206 11.86 24.78 16.80
CA LYS A 206 11.85 23.60 17.68
C LYS A 206 13.17 22.86 17.66
N ILE A 207 13.71 22.60 16.47
CA ILE A 207 15.05 22.05 16.38
C ILE A 207 16.02 22.89 17.22
N GLU A 208 16.04 24.19 16.98
CA GLU A 208 17.06 25.08 17.58
C GLU A 208 16.89 25.06 19.07
N GLN A 209 15.81 25.33 19.72
CA GLN A 209 15.49 25.13 21.15
C GLN A 209 16.02 23.86 21.60
N GLY A 210 15.65 22.70 21.07
CA GLY A 210 16.18 21.45 21.61
C GLY A 210 17.69 21.31 21.48
N ILE A 211 18.26 21.74 20.35
CA ILE A 211 19.72 21.76 20.16
C ILE A 211 20.34 22.62 21.25
N LYS A 212 19.67 23.72 21.60
CA LYS A 212 20.10 24.59 22.70
C LYS A 212 20.09 23.87 24.03
N ARG A 213 19.03 22.99 24.39
CA ARG A 213 18.95 22.11 25.56
C ARG A 213 19.77 20.92 25.44
N GLY A 214 20.76 20.77 24.28
CA GLY A 214 21.66 19.60 24.31
C GLY A 214 21.00 18.32 23.83
N LYS A 215 19.81 18.43 23.23
CA LYS A 215 19.10 17.29 22.68
C LYS A 215 19.80 16.84 21.37
N LYS A 216 20.03 15.52 21.27
CA LYS A 216 20.72 14.93 20.09
C LYS A 216 19.70 13.90 19.51
N HIS A 217 20.00 13.44 18.38
CA HIS A 217 19.31 12.36 17.66
C HIS A 217 17.80 12.63 17.46
N SER A 218 17.44 13.90 17.26
CA SER A 218 16.04 14.32 16.92
C SER A 218 15.64 13.98 15.50
N ILE A 219 14.35 13.71 15.33
CA ILE A 219 13.93 13.26 14.02
C ILE A 219 12.74 14.03 13.47
N VAL A 220 12.88 14.32 12.19
CA VAL A 220 11.81 14.93 11.38
C VAL A 220 11.39 13.91 10.32
N LEU A 221 10.20 13.65 10.46
CA LEU A 221 9.88 12.56 9.55
C LEU A 221 9.03 13.13 8.43
N VAL A 222 9.14 12.91 7.15
CA VAL A 222 8.58 13.67 6.02
C VAL A 222 7.93 12.73 5.03
N ALA A 223 6.63 12.84 4.83
CA ALA A 223 5.93 12.14 3.78
C ALA A 223 6.38 12.67 2.44
N GLU A 224 6.73 11.75 1.55
CA GLU A 224 7.12 12.07 0.17
C GLU A 224 6.05 12.92 -0.57
N GLY A 225 4.78 12.73 -0.21
CA GLY A 225 3.69 13.49 -0.76
C GLY A 225 3.65 14.97 -0.42
N CYS A 226 4.38 15.40 0.62
CA CYS A 226 4.47 16.76 1.01
C CYS A 226 5.75 17.39 0.39
N MET A 227 6.91 16.76 0.53
CA MET A 227 8.14 17.27 -0.04
C MET A 227 9.21 16.22 0.14
N THR A 228 10.36 16.45 -0.46
CA THR A 228 11.42 15.50 -0.28
C THR A 228 12.21 15.89 1.01
N ALA A 229 12.96 14.95 1.53
CA ALA A 229 13.77 15.16 2.77
C ALA A 229 14.82 16.28 2.51
N GLN A 230 15.39 16.26 1.29
CA GLN A 230 16.36 17.29 0.90
C GLN A 230 15.72 18.64 0.82
N ASP A 231 14.53 18.79 0.21
CA ASP A 231 13.87 20.11 0.26
C ASP A 231 13.52 20.56 1.64
N CYS A 232 13.16 19.61 2.50
CA CYS A 232 12.90 19.98 3.89
C CYS A 232 14.16 20.54 4.55
N GLN A 233 15.24 19.81 4.43
CA GLN A 233 16.56 20.23 4.89
C GLN A 233 16.94 21.62 4.32
N LYS A 234 16.88 21.77 2.99
CA LYS A 234 17.15 23.09 2.35
C LYS A 234 16.26 24.19 2.93
N GLU A 235 14.96 23.94 3.06
CA GLU A 235 14.06 24.92 3.64
C GLU A 235 14.35 25.24 5.10
N LEU A 236 14.68 24.22 5.89
CA LEU A 236 15.08 24.50 7.29
C LEU A 236 16.36 25.36 7.36
N SER A 237 17.30 25.08 6.48
CA SER A 237 18.57 25.80 6.55
C SER A 237 18.40 27.33 6.21
N GLN A 238 17.25 27.74 5.71
CA GLN A 238 16.91 29.13 5.54
C GLN A 238 16.67 29.87 6.85
N TYR A 239 16.60 29.15 7.98
CA TYR A 239 16.54 29.75 9.36
C TYR A 239 17.69 29.39 10.29
N ILE A 240 18.22 28.19 10.15
CA ILE A 240 19.01 27.58 11.19
C ILE A 240 20.10 26.79 10.48
N ASN A 241 21.17 26.48 11.17
CA ASN A 241 22.20 25.57 10.68
C ASN A 241 21.91 24.12 11.02
N VAL A 242 21.74 23.24 10.02
CA VAL A 242 21.20 21.90 10.27
C VAL A 242 21.57 20.54 9.67
N ASP A 243 22.13 20.50 8.44
CA ASP A 243 21.91 19.30 7.56
C ASP A 243 22.76 18.20 8.18
N ASN A 244 22.10 17.27 8.87
CA ASN A 244 22.77 16.24 9.73
C ASN A 244 22.52 14.78 9.28
N ARG A 245 21.44 14.50 8.60
CA ARG A 245 21.47 13.28 7.84
C ARG A 245 20.31 13.19 6.90
N VAL A 246 20.42 13.70 5.66
CA VAL A 246 19.18 13.44 4.91
C VAL A 246 19.09 11.99 4.43
N SER A 247 17.96 11.35 4.74
CA SER A 247 17.76 9.91 4.49
C SER A 247 16.49 9.69 3.69
N VAL A 248 16.60 9.08 2.51
CA VAL A 248 15.45 8.69 1.69
C VAL A 248 15.27 7.20 1.86
N LEU A 249 14.21 6.76 2.53
CA LEU A 249 14.10 5.35 2.89
C LEU A 249 13.87 4.49 1.64
N GLY A 250 13.02 4.99 0.75
CA GLY A 250 12.96 4.45 -0.61
C GLY A 250 12.25 3.12 -0.60
N HIS A 251 12.34 2.43 -1.74
CA HIS A 251 11.53 1.24 -2.12
C HIS A 251 11.57 0.03 -1.17
N VAL A 252 12.59 -0.03 -0.29
CA VAL A 252 12.69 -1.05 0.72
C VAL A 252 11.43 -1.09 1.62
N GLN A 253 10.79 0.06 1.79
CA GLN A 253 9.51 0.13 2.49
C GLN A 253 8.42 -0.80 1.93
N ARG A 254 8.56 -1.15 0.65
CA ARG A 254 7.71 -2.13 -0.01
C ARG A 254 8.13 -3.59 0.13
N GLY A 255 9.32 -3.84 0.68
CA GLY A 255 9.94 -5.13 0.66
C GLY A 255 9.76 -5.77 2.00
N GLY A 256 10.21 -6.99 2.10
CA GLY A 256 10.24 -7.63 3.44
C GLY A 256 8.97 -8.38 3.70
N SER A 257 9.06 -9.25 4.67
CA SER A 257 8.05 -10.23 4.99
C SER A 257 6.89 -9.44 5.63
N PRO A 258 5.66 -9.71 5.22
CA PRO A 258 4.57 -9.05 5.98
C PRO A 258 4.53 -9.42 7.45
N THR A 259 4.19 -8.42 8.25
CA THR A 259 3.77 -8.66 9.68
C THR A 259 2.54 -9.53 9.83
N GLY A 260 2.24 -9.99 11.05
CA GLY A 260 1.10 -10.83 11.27
C GLY A 260 -0.20 -10.08 10.95
N ALA A 261 -0.29 -8.77 11.27
CA ALA A 261 -1.48 -7.96 10.91
C ALA A 261 -1.75 -8.10 9.41
N ASP A 262 -0.68 -8.03 8.63
CA ASP A 262 -0.83 -8.06 7.18
C ASP A 262 -1.13 -9.43 6.63
N ARG A 263 -0.50 -10.44 7.22
CA ARG A 263 -0.82 -11.81 6.83
C ARG A 263 -2.29 -12.17 7.05
N VAL A 264 -2.82 -11.78 8.20
CA VAL A 264 -4.18 -12.10 8.57
C VAL A 264 -5.11 -11.27 7.76
N LEU A 265 -4.84 -9.97 7.63
CA LEU A 265 -5.75 -9.11 6.82
C LEU A 265 -5.83 -9.64 5.38
N ALA A 266 -4.67 -9.89 4.79
CA ALA A 266 -4.55 -10.45 3.42
C ALA A 266 -5.36 -11.69 3.25
N SER A 267 -5.22 -12.61 4.21
CA SER A 267 -5.92 -13.86 4.19
C SER A 267 -7.42 -13.73 4.26
N ARG A 268 -7.90 -12.88 5.15
CA ARG A 268 -9.36 -12.64 5.29
C ARG A 268 -9.92 -12.04 4.03
N LEU A 269 -9.22 -11.06 3.46
CA LEU A 269 -9.70 -10.36 2.26
C LEU A 269 -9.59 -11.23 1.02
N GLY A 270 -8.52 -12.03 0.91
CA GLY A 270 -8.47 -13.00 -0.25
C GLY A 270 -9.60 -14.02 -0.23
N GLY A 271 -9.88 -14.58 0.94
CA GLY A 271 -11.01 -15.51 1.03
C GLY A 271 -12.38 -14.87 0.77
N TYR A 272 -12.54 -13.70 1.33
CA TYR A 272 -13.76 -12.90 1.09
C TYR A 272 -13.97 -12.57 -0.37
N ALA A 273 -12.91 -12.24 -1.12
CA ALA A 273 -12.99 -12.01 -2.54
C ALA A 273 -13.59 -13.18 -3.30
N VAL A 274 -13.18 -14.36 -2.91
CA VAL A 274 -13.66 -15.56 -3.55
C VAL A 274 -15.12 -15.80 -3.15
N ASP A 275 -15.45 -15.63 -1.86
CA ASP A 275 -16.87 -15.67 -1.41
C ASP A 275 -17.79 -14.75 -2.18
N LEU A 276 -17.38 -13.51 -2.37
CA LEU A 276 -18.11 -12.56 -3.16
C LEU A 276 -18.32 -13.01 -4.61
N LEU A 277 -17.28 -13.50 -5.24
CA LEU A 277 -17.38 -14.04 -6.58
C LEU A 277 -18.38 -15.12 -6.65
N MET A 278 -18.33 -16.06 -5.72
CA MET A 278 -19.33 -17.13 -5.64
C MET A 278 -20.77 -16.62 -5.44
N GLN A 279 -20.91 -15.47 -4.79
CA GLN A 279 -22.21 -14.84 -4.51
C GLN A 279 -22.73 -13.96 -5.62
N GLY A 280 -22.03 -13.87 -6.76
CA GLY A 280 -22.49 -13.08 -7.86
C GLY A 280 -22.11 -11.61 -7.86
N GLU A 281 -21.21 -11.20 -6.96
CA GLU A 281 -20.91 -9.78 -6.84
C GLU A 281 -19.86 -9.35 -7.86
N THR A 282 -19.81 -8.05 -8.14
CA THR A 282 -18.82 -7.53 -9.07
C THR A 282 -18.61 -6.06 -8.83
N ALA A 283 -17.50 -5.59 -9.35
CA ALA A 283 -17.13 -4.23 -9.38
C ALA A 283 -17.07 -3.63 -7.90
N LYS A 284 -16.47 -4.40 -6.98
CA LYS A 284 -16.32 -4.01 -5.56
C LYS A 284 -14.88 -4.19 -5.10
N GLY A 285 -14.42 -3.34 -4.22
CA GLY A 285 -13.17 -3.52 -3.49
C GLY A 285 -13.48 -3.96 -2.10
N VAL A 286 -12.69 -4.87 -1.57
CA VAL A 286 -12.94 -5.40 -0.23
C VAL A 286 -12.04 -4.71 0.79
N GLY A 287 -12.43 -4.73 2.05
CA GLY A 287 -11.71 -3.98 3.07
C GLY A 287 -12.16 -4.31 4.46
N ILE A 288 -11.51 -3.65 5.41
CA ILE A 288 -11.87 -3.65 6.78
C ILE A 288 -12.23 -2.23 7.20
N LYS A 289 -13.50 -2.06 7.63
CA LYS A 289 -14.02 -0.78 8.00
C LYS A 289 -14.69 -0.94 9.36
N ASN A 290 -14.22 -0.17 10.34
CA ASN A 290 -14.80 -0.27 11.72
C ASN A 290 -14.78 -1.70 12.27
N ASN A 291 -13.68 -2.39 11.96
CA ASN A 291 -13.45 -3.74 12.33
C ASN A 291 -14.36 -4.77 11.75
N LYS A 292 -14.99 -4.46 10.61
CA LYS A 292 -15.81 -5.38 9.93
C LYS A 292 -15.25 -5.54 8.49
N ILE A 293 -15.24 -6.76 8.02
CA ILE A 293 -14.84 -7.04 6.61
C ILE A 293 -15.97 -6.61 5.73
N VAL A 294 -15.72 -5.73 4.79
CA VAL A 294 -16.84 -5.16 3.92
C VAL A 294 -16.41 -5.07 2.45
N ALA A 295 -17.39 -4.84 1.58
CA ALA A 295 -17.20 -4.69 0.15
C ALA A 295 -17.81 -3.36 -0.23
N THR A 296 -17.09 -2.59 -1.02
CA THR A 296 -17.57 -1.28 -1.44
C THR A 296 -17.47 -1.21 -2.95
N SER A 297 -18.50 -0.65 -3.59
CA SER A 297 -18.48 -0.53 -5.02
C SER A 297 -17.34 0.39 -5.50
N PHE A 298 -16.79 0.09 -6.69
CA PHE A 298 -15.72 0.89 -7.22
C PHE A 298 -16.19 2.35 -7.40
N ASP A 299 -17.43 2.54 -7.79
CA ASP A 299 -17.98 3.91 -7.93
C ASP A 299 -17.87 4.67 -6.65
N GLU A 300 -18.25 4.06 -5.55
CA GLU A 300 -18.10 4.78 -4.26
C GLU A 300 -16.63 4.95 -3.87
N ILE A 301 -15.79 3.94 -4.16
CA ILE A 301 -14.38 4.04 -3.88
C ILE A 301 -13.80 5.26 -4.64
N PHE A 302 -14.23 5.45 -5.88
CA PHE A 302 -13.65 6.57 -6.65
C PHE A 302 -14.42 7.87 -6.57
N ASP A 303 -15.47 7.96 -5.74
CA ASP A 303 -16.35 9.14 -5.76
C ASP A 303 -15.76 10.27 -4.97
N GLY A 304 -15.11 9.98 -3.87
CA GLY A 304 -14.43 11.04 -3.15
C GLY A 304 -13.08 10.64 -2.66
N LYS A 305 -12.66 11.44 -1.70
CA LYS A 305 -12.07 11.08 -0.44
C LYS A 305 -13.28 10.77 0.44
N ASP A 306 -13.09 9.75 1.27
CA ASP A 306 -14.15 9.11 2.03
C ASP A 306 -13.93 9.14 3.54
N HIS A 307 -12.86 9.78 3.99
CA HIS A 307 -12.69 10.10 5.43
C HIS A 307 -11.36 10.78 5.84
N LYS A 308 -11.42 11.57 6.88
CA LYS A 308 -10.32 12.48 7.17
C LYS A 308 -9.01 11.79 7.57
N PHE A 309 -7.93 12.48 7.25
CA PHE A 309 -6.69 12.41 7.96
C PHE A 309 -7.03 12.67 9.43
N ASP A 310 -6.44 11.88 10.30
CA ASP A 310 -6.67 12.04 11.70
C ASP A 310 -5.84 13.14 12.34
N TYR A 311 -6.31 14.37 12.21
CA TYR A 311 -5.72 15.53 12.84
C TYR A 311 -5.56 15.38 14.35
N SER A 312 -6.45 14.68 15.04
CA SER A 312 -6.32 14.48 16.45
C SER A 312 -5.11 13.58 16.78
N LEU A 313 -4.82 12.60 15.93
CA LEU A 313 -3.61 11.75 16.14
C LEU A 313 -2.27 12.57 15.85
N TYR A 314 -2.33 13.36 14.81
CA TYR A 314 -1.30 14.36 14.52
C TYR A 314 -1.01 15.27 15.73
N GLU A 315 -2.05 15.84 16.32
CA GLU A 315 -1.97 16.61 17.58
C GLU A 315 -1.40 15.87 18.77
N LEU A 316 -1.90 14.66 19.02
CA LEU A 316 -1.30 13.79 20.04
C LEU A 316 0.21 13.57 19.81
N ALA A 317 0.59 13.27 18.61
CA ALA A 317 2.05 13.14 18.33
C ALA A 317 2.85 14.33 18.73
N ASN A 318 2.36 15.49 18.34
CA ASN A 318 3.02 16.77 18.65
C ASN A 318 3.04 17.00 20.18
N LYS A 319 1.94 16.71 20.90
CA LYS A 319 1.90 16.80 22.37
C LYS A 319 2.92 15.89 23.04
N LEU A 320 3.02 14.65 22.59
CA LEU A 320 4.01 13.70 23.12
C LEU A 320 5.45 14.06 22.89
N SER A 321 5.73 14.77 21.80
CA SER A 321 7.10 15.22 21.47
C SER A 321 7.56 16.42 22.27
N ILE A 322 6.68 17.14 22.94
CA ILE A 322 7.05 18.39 23.63
C ILE A 322 8.01 18.13 24.78
#